data_3FIA
#
_entry.id   3FIA
#
_cell.length_a   94.848
_cell.length_b   32.021
_cell.length_c   33.287
_cell.angle_alpha   90.00
_cell.angle_beta   106.45
_cell.angle_gamma   90.00
#
_symmetry.space_group_name_H-M   'C 1 2 1'
#
loop_
_entity.id
_entity.type
_entity.pdbx_description
1 polymer Intersectin-1
2 non-polymer 'CALCIUM ION'
3 non-polymer 'SULFATE ION'
4 water water
#
_entity_poly.entity_id   1
_entity_poly.type   'polypeptide(L)'
_entity_poly.pdbx_seq_one_letter_code
;(MSE)GHHHHHHSHVAQFPTPFGGSLDTWAITVEERAKHDQQFHSLKPISGFITGDQARNFFFQSGLPQPVLAQIWALAD
(MSE)NNDGR(MSE)DQVEFSIA(MSE)KLIKLKLQGYQLPSALPPV(MSE)KQQPVAISS
;
_entity_poly.pdbx_strand_id   A
#
# COMPACT_ATOMS: atom_id res chain seq x y z
N THR A 16 -16.44 -9.28 -7.49
CA THR A 16 -17.28 -9.10 -8.71
C THR A 16 -17.14 -10.31 -9.64
N PRO A 17 -18.05 -10.44 -10.61
CA PRO A 17 -17.94 -11.43 -11.68
C PRO A 17 -16.74 -11.17 -12.60
N PHE A 18 -16.18 -9.96 -12.54
CA PHE A 18 -15.16 -9.50 -13.49
C PHE A 18 -13.78 -9.42 -12.85
N GLY A 19 -13.68 -9.91 -11.63
CA GLY A 19 -12.42 -9.86 -10.89
C GLY A 19 -12.15 -8.49 -10.29
N GLY A 20 -13.18 -7.65 -10.26
CA GLY A 20 -13.09 -6.34 -9.63
C GLY A 20 -14.08 -5.35 -10.22
N SER A 21 -14.23 -4.19 -9.58
CA SER A 21 -15.11 -3.14 -10.04
C SER A 21 -14.31 -1.88 -10.37
N LEU A 22 -15.02 -0.82 -10.76
CA LEU A 22 -14.39 0.48 -10.95
C LEU A 22 -13.71 0.98 -9.68
N ASP A 23 -14.16 0.48 -8.52
CA ASP A 23 -13.67 1.00 -7.25
C ASP A 23 -12.68 0.07 -6.55
N THR A 24 -12.42 -1.10 -7.12
CA THR A 24 -11.57 -2.06 -6.44
C THR A 24 -10.16 -1.51 -6.19
N TRP A 25 -9.52 -1.04 -7.26
CA TRP A 25 -8.09 -0.68 -7.19
C TRP A 25 -7.86 0.81 -7.10
N ALA A 26 -8.89 1.59 -7.35
CA ALA A 26 -8.78 3.04 -7.20
C ALA A 26 -8.73 3.42 -5.73
N ILE A 27 -7.96 4.47 -5.42
CA ILE A 27 -7.88 4.99 -4.07
C ILE A 27 -8.69 6.27 -3.98
N THR A 28 -9.67 6.26 -3.09
CA THR A 28 -10.59 7.40 -2.99
C THR A 28 -9.93 8.56 -2.24
N VAL A 29 -10.55 9.72 -2.31
CA VAL A 29 -10.07 10.87 -1.55
C VAL A 29 -10.06 10.57 -0.06
N GLU A 30 -11.13 9.94 0.43
CA GLU A 30 -11.23 9.58 1.83
C GLU A 30 -10.14 8.59 2.23
N GLU A 31 -9.91 7.57 1.40
CA GLU A 31 -8.87 6.59 1.69
C GLU A 31 -7.52 7.28 1.78
N ARG A 32 -7.23 8.12 0.80
CA ARG A 32 -5.93 8.79 0.76
C ARG A 32 -5.73 9.68 1.98
N ALA A 33 -6.81 10.31 2.46
CA ALA A 33 -6.70 11.14 3.64
C ALA A 33 -6.36 10.32 4.89
N LYS A 34 -6.96 9.14 5.00
CA LYS A 34 -6.61 8.20 6.06
C LYS A 34 -5.17 7.72 5.96
N HIS A 35 -4.74 7.38 4.75
CA HIS A 35 -3.37 6.93 4.54
C HIS A 35 -2.39 8.03 4.93
N ASP A 36 -2.69 9.27 4.55
CA ASP A 36 -1.80 10.39 4.84
C ASP A 36 -1.66 10.60 6.33
N GLN A 37 -2.75 10.38 7.06
CA GLN A 37 -2.71 10.47 8.52
C GLN A 37 -1.81 9.39 9.14
N GLN A 38 -1.93 8.16 8.63
CA GLN A 38 -1.09 7.07 9.13
C GLN A 38 0.38 7.31 8.75
N PHE A 39 0.62 7.82 7.55
CA PHE A 39 1.97 8.11 7.12
C PHE A 39 2.62 9.13 8.05
N HIS A 40 1.88 10.18 8.36
CA HIS A 40 2.37 11.22 9.27
C HIS A 40 2.74 10.67 10.64
N SER A 41 1.96 9.70 11.11
CA SER A 41 2.21 9.11 12.42
C SER A 41 3.55 8.37 12.50
N LEU A 42 4.08 7.99 11.35
CA LEU A 42 5.39 7.31 11.29
C LEU A 42 6.56 8.30 11.32
N LYS A 43 6.23 9.59 11.36
CA LYS A 43 7.25 10.64 11.39
C LYS A 43 8.24 10.53 10.23
N PRO A 44 7.74 10.63 9.00
CA PRO A 44 8.64 10.63 7.85
C PRO A 44 9.65 11.77 7.96
N ILE A 45 10.82 11.56 7.36
CA ILE A 45 11.86 12.58 7.36
C ILE A 45 11.93 13.17 5.97
N SER A 46 11.57 14.45 5.85
CA SER A 46 11.49 15.12 4.56
C SER A 46 10.63 14.33 3.58
N GLY A 47 9.56 13.73 4.09
CA GLY A 47 8.57 13.08 3.23
C GLY A 47 8.83 11.62 2.92
N PHE A 48 9.85 11.03 3.54
CA PHE A 48 10.21 9.64 3.27
C PHE A 48 10.30 8.84 4.55
N ILE A 49 9.88 7.58 4.47
CA ILE A 49 10.28 6.56 5.45
C ILE A 49 11.18 5.52 4.80
N THR A 50 12.06 4.91 5.59
CA THR A 50 12.94 3.90 5.04
C THR A 50 12.14 2.65 4.70
N GLY A 51 12.69 1.82 3.82
CA GLY A 51 12.05 0.54 3.53
C GLY A 51 11.85 -0.31 4.77
N ASP A 52 12.85 -0.35 5.65
CA ASP A 52 12.71 -1.18 6.84
C ASP A 52 11.62 -0.65 7.76
N GLN A 53 11.50 0.67 7.84
CA GLN A 53 10.45 1.28 8.62
C GLN A 53 9.08 0.94 8.07
N ALA A 54 8.92 1.09 6.77
CA ALA A 54 7.65 0.77 6.13
C ALA A 54 7.29 -0.69 6.36
N ARG A 55 8.23 -1.59 6.09
CA ARG A 55 7.94 -3.01 6.17
C ARG A 55 7.63 -3.43 7.61
N ASN A 56 8.31 -2.80 8.56
CA ASN A 56 8.02 -3.07 9.96
C ASN A 56 6.62 -2.64 10.36
N PHE A 57 6.19 -1.49 9.84
CA PHE A 57 4.83 -1.05 10.07
C PHE A 57 3.83 -2.01 9.43
N PHE A 58 4.07 -2.38 8.18
CA PHE A 58 3.15 -3.25 7.47
C PHE A 58 2.93 -4.57 8.20
N PHE A 59 3.97 -5.04 8.89
CA PHE A 59 3.93 -6.35 9.56
C PHE A 59 2.84 -6.34 10.66
N GLN A 60 2.43 -5.15 11.07
CA GLN A 60 1.38 -5.02 12.08
C GLN A 60 -0.02 -5.28 11.52
N SER A 61 -0.11 -5.56 10.22
CA SER A 61 -1.39 -5.85 9.59
C SER A 61 -1.87 -7.26 9.90
N GLY A 62 -0.94 -8.17 10.21
CA GLY A 62 -1.28 -9.57 10.36
C GLY A 62 -1.07 -10.41 9.11
N LEU A 63 -0.81 -9.77 7.98
CA LEU A 63 -0.70 -10.50 6.72
C LEU A 63 0.61 -11.27 6.71
N PRO A 64 0.66 -12.38 5.97
CA PRO A 64 1.88 -13.16 5.85
C PRO A 64 3.04 -12.31 5.34
N GLN A 65 4.24 -12.62 5.81
CA GLN A 65 5.44 -11.93 5.35
C GLN A 65 5.62 -11.97 3.83
N PRO A 66 5.35 -13.13 3.19
CA PRO A 66 5.56 -13.21 1.75
C PRO A 66 4.62 -12.27 1.02
N VAL A 67 3.40 -12.18 1.52
CA VAL A 67 2.40 -11.28 0.98
C VAL A 67 2.85 -9.83 1.12
N LEU A 68 3.32 -9.45 2.31
CA LEU A 68 3.80 -8.10 2.52
C LEU A 68 5.02 -7.73 1.68
N ALA A 69 5.88 -8.71 1.43
CA ALA A 69 7.02 -8.48 0.55
C ALA A 69 6.56 -8.13 -0.86
N GLN A 70 5.56 -8.84 -1.36
CA GLN A 70 5.00 -8.53 -2.66
C GLN A 70 4.36 -7.14 -2.65
N ILE A 71 3.66 -6.81 -1.57
CA ILE A 71 3.04 -5.49 -1.46
C ILE A 71 4.09 -4.38 -1.46
N TRP A 72 5.18 -4.58 -0.71
CA TRP A 72 6.26 -3.62 -0.73
C TRP A 72 6.75 -3.38 -2.16
N ALA A 73 6.98 -4.46 -2.90
CA ALA A 73 7.58 -4.32 -4.24
C ALA A 73 6.61 -3.66 -5.21
N LEU A 74 5.32 -3.93 -5.04
CA LEU A 74 4.30 -3.26 -5.86
C LEU A 74 4.28 -1.77 -5.57
N ALA A 75 4.35 -1.42 -4.29
CA ALA A 75 4.14 -0.05 -3.85
C ALA A 75 5.36 0.85 -4.04
N ASP A 76 6.55 0.26 -3.98
CA ASP A 76 7.77 1.03 -4.17
C ASP A 76 7.97 1.30 -5.66
N ASN A 78 9.11 3.51 -7.70
CA ASN A 78 10.37 3.91 -8.34
C ASN A 78 11.56 3.03 -7.94
N ASN A 79 11.29 1.96 -7.20
CA ASN A 79 12.28 0.93 -6.93
C ASN A 79 13.51 1.44 -6.22
N ASP A 80 13.34 2.51 -5.44
CA ASP A 80 14.47 3.12 -4.74
C ASP A 80 14.68 2.65 -3.31
N GLY A 81 13.81 1.75 -2.83
CA GLY A 81 14.01 1.12 -1.53
C GLY A 81 13.52 1.95 -0.35
N ARG A 82 12.99 3.14 -0.63
CA ARG A 82 12.37 3.96 0.40
C ARG A 82 10.97 4.35 -0.07
N ASP A 84 7.63 7.20 -0.12
CA ASP A 84 6.99 8.49 0.10
C ASP A 84 5.49 8.35 0.31
N GLN A 85 4.80 9.46 0.38
CA GLN A 85 3.40 9.43 0.78
C GLN A 85 2.50 8.71 -0.23
N VAL A 86 2.76 8.94 -1.51
N VAL A 86 2.76 8.91 -1.51
CA VAL A 86 2.00 8.30 -2.58
CA VAL A 86 1.95 8.27 -2.55
C VAL A 86 2.19 6.79 -2.54
C VAL A 86 2.18 6.76 -2.57
N GLU A 87 3.43 6.35 -2.44
CA GLU A 87 3.76 4.92 -2.38
C GLU A 87 3.14 4.28 -1.14
N PHE A 88 3.17 5.00 -0.03
CA PHE A 88 2.57 4.50 1.20
C PHE A 88 1.06 4.26 1.04
N SER A 89 0.38 5.18 0.36
CA SER A 89 -1.05 5.07 0.14
C SER A 89 -1.35 3.81 -0.67
N ILE A 90 -0.57 3.61 -1.74
CA ILE A 90 -0.69 2.41 -2.54
C ILE A 90 -0.54 1.13 -1.71
N ALA A 91 0.48 1.08 -0.86
CA ALA A 91 0.69 -0.06 0.02
C ALA A 91 -0.50 -0.29 0.94
N LYS A 93 -3.61 0.60 0.47
CA LYS A 93 -4.73 0.10 -0.28
C LYS A 93 -4.59 -1.40 -0.56
N LEU A 94 -3.39 -1.82 -0.94
CA LEU A 94 -3.15 -3.24 -1.23
C LEU A 94 -3.31 -4.09 0.03
N ILE A 95 -2.86 -3.57 1.17
CA ILE A 95 -3.04 -4.31 2.42
C ILE A 95 -4.52 -4.51 2.74
N LYS A 96 -5.32 -3.46 2.58
CA LYS A 96 -6.75 -3.58 2.83
C LYS A 96 -7.40 -4.58 1.89
N LEU A 97 -7.07 -4.51 0.62
CA LEU A 97 -7.60 -5.47 -0.34
C LEU A 97 -7.24 -6.90 0.03
N LYS A 98 -5.99 -7.13 0.41
CA LYS A 98 -5.56 -8.48 0.77
C LYS A 98 -6.29 -8.96 2.03
N LEU A 99 -6.43 -8.09 3.03
CA LEU A 99 -7.20 -8.44 4.22
C LEU A 99 -8.64 -8.82 3.91
N GLN A 100 -9.21 -8.17 2.90
CA GLN A 100 -10.57 -8.45 2.47
C GLN A 100 -10.66 -9.73 1.63
N GLY A 101 -9.50 -10.30 1.29
CA GLY A 101 -9.47 -11.57 0.57
C GLY A 101 -9.29 -11.48 -0.94
N TYR A 102 -9.00 -10.29 -1.45
CA TYR A 102 -8.61 -10.14 -2.85
C TYR A 102 -7.23 -10.73 -3.09
N GLN A 103 -7.01 -11.21 -4.31
CA GLN A 103 -5.66 -11.58 -4.72
C GLN A 103 -4.88 -10.34 -5.16
N LEU A 104 -3.58 -10.33 -4.89
CA LEU A 104 -2.74 -9.24 -5.33
C LEU A 104 -2.49 -9.33 -6.83
N PRO A 105 -2.33 -8.18 -7.49
CA PRO A 105 -2.00 -8.17 -8.92
C PRO A 105 -0.53 -8.47 -9.19
N SER A 106 -0.20 -8.88 -10.41
CA SER A 106 1.18 -9.20 -10.76
C SER A 106 2.01 -7.95 -11.02
N ALA A 107 1.32 -6.86 -11.30
CA ALA A 107 1.93 -5.55 -11.48
C ALA A 107 0.97 -4.51 -10.97
N LEU A 108 1.49 -3.34 -10.64
CA LEU A 108 0.67 -2.27 -10.07
C LEU A 108 -0.38 -1.79 -11.08
N PRO A 109 -1.67 -1.92 -10.74
CA PRO A 109 -2.69 -1.42 -11.66
C PRO A 109 -2.50 0.08 -11.92
N PRO A 110 -2.48 0.49 -13.19
CA PRO A 110 -2.29 1.90 -13.53
C PRO A 110 -3.29 2.83 -12.83
N VAL A 111 -4.51 2.36 -12.59
CA VAL A 111 -5.52 3.19 -11.93
C VAL A 111 -5.13 3.56 -10.48
N LYS A 113 -2.13 4.49 -9.53
CA LYS A 113 -1.08 5.50 -9.56
C LYS A 113 -1.67 6.89 -9.75
#